data_4MI8
#
_entry.id   4MI8
#
_cell.length_a   70.598
_cell.length_b   140.844
_cell.length_c   54.038
_cell.angle_alpha   90.00
_cell.angle_beta   127.81
_cell.angle_gamma   90.00
#
_symmetry.space_group_name_H-M   'C 1 2 1'
#
loop_
_entity.id
_entity.type
_entity.pdbx_description
1 polymer 'Bcl-2 homolog (Gene 16?)'
2 polymer Beclin-1
3 non-polymer 'SULFATE ION'
4 water water
#
loop_
_entity_poly.entity_id
_entity_poly.type
_entity_poly.pdbx_seq_one_letter_code
_entity_poly.pdbx_strand_id
1 'polypeptide(L)'
;MASHKKSGTYWATLITAFLKTVSKVEELDCVDSAVLVDVSKIITLTQEFRRHYDSVYRADYGPALKNWKRDLSKLFTSLF
VDVINSGRIVGFFDVGRYVCEEVLCPGSWTEDHELLNDCMTHFFIENNLMNHFPLEDHHHHHH
;
A,B
2 'polypeptide(L)' GSGTMENLSRRLKVTEALFDIMSGQT C,D
#
loop_
_chem_comp.id
_chem_comp.type
_chem_comp.name
_chem_comp.formula
SO4 non-polymer 'SULFATE ION' 'O4 S -2'
#
# COMPACT_ATOMS: atom_id res chain seq x y z
N SER A 3 29.09 9.62 -3.03
CA SER A 3 28.20 8.83 -2.13
C SER A 3 28.44 9.13 -0.65
N HIS A 4 27.36 9.17 0.15
CA HIS A 4 27.41 9.46 1.60
C HIS A 4 26.21 8.93 2.33
N LYS A 5 26.24 9.06 3.65
CA LYS A 5 25.15 8.67 4.52
C LYS A 5 23.86 9.39 4.19
N LYS A 6 22.74 8.68 4.24
CA LYS A 6 21.45 9.33 4.05
C LYS A 6 20.61 9.26 5.30
N SER A 7 19.57 10.05 5.32
CA SER A 7 18.77 10.22 6.51
C SER A 7 17.81 9.09 6.73
N GLY A 8 17.38 8.95 7.97
CA GLY A 8 16.36 8.02 8.32
C GLY A 8 15.10 8.29 7.55
N THR A 9 14.85 9.55 7.29
CA THR A 9 13.67 9.94 6.54
C THR A 9 13.74 9.39 5.14
N TYR A 10 14.85 9.59 4.50
CA TYR A 10 15.08 9.06 3.16
C TYR A 10 15.00 7.52 3.12
N TRP A 11 15.56 6.88 4.14
CA TRP A 11 15.64 5.47 4.19
C TRP A 11 14.31 4.83 4.41
N ALA A 12 13.42 5.47 5.19
CA ALA A 12 12.05 5.00 5.35
C ALA A 12 11.35 4.96 4.01
N THR A 13 11.53 6.00 3.21
CA THR A 13 10.98 6.03 1.84
C THR A 13 11.55 4.89 0.98
N LEU A 14 12.86 4.72 1.08
CA LEU A 14 13.59 3.81 0.23
C LEU A 14 13.18 2.37 0.59
N ILE A 15 13.05 2.09 1.89
CA ILE A 15 12.62 0.75 2.29
C ILE A 15 11.23 0.35 1.76
N THR A 16 10.30 1.31 1.85
CA THR A 16 8.96 1.03 1.39
C THR A 16 8.99 0.83 -0.14
N ALA A 17 9.74 1.68 -0.86
CA ALA A 17 9.78 1.56 -2.32
C ALA A 17 10.47 0.23 -2.67
N PHE A 18 11.43 -0.20 -1.81
CA PHE A 18 12.13 -1.48 -2.03
C PHE A 18 11.13 -2.60 -1.90
N LEU A 19 10.36 -2.62 -0.81
CA LEU A 19 9.36 -3.70 -0.58
C LEU A 19 8.21 -3.70 -1.62
N LYS A 20 7.75 -2.52 -2.01
CA LYS A 20 6.64 -2.43 -2.99
C LYS A 20 7.16 -2.94 -4.32
N THR A 21 8.40 -2.57 -4.67
CA THR A 21 9.00 -3.02 -5.94
C THR A 21 9.13 -4.53 -5.97
N VAL A 22 9.68 -5.16 -4.93
CA VAL A 22 9.89 -6.61 -4.97
C VAL A 22 8.56 -7.34 -4.79
N SER A 23 7.58 -6.65 -4.18
CA SER A 23 6.20 -7.17 -4.16
C SER A 23 5.40 -6.90 -5.45
N LYS A 24 5.94 -6.08 -6.34
CA LYS A 24 5.27 -5.76 -7.60
C LYS A 24 3.96 -5.00 -7.35
N VAL A 25 3.99 -4.01 -6.45
CA VAL A 25 2.87 -3.11 -6.24
C VAL A 25 3.29 -1.62 -6.42
N GLU A 26 4.25 -1.39 -7.31
CA GLU A 26 4.55 -0.03 -7.75
C GLU A 26 5.19 -0.09 -9.13
N GLU A 27 4.49 0.51 -10.11
CA GLU A 27 5.00 0.74 -11.47
C GLU A 27 6.29 1.55 -11.46
N LEU A 28 7.22 1.09 -12.27
CA LEU A 28 8.57 1.66 -12.33
C LEU A 28 8.45 3.16 -12.62
N ASP A 29 7.62 3.46 -13.60
CA ASP A 29 7.08 4.80 -13.84
C ASP A 29 6.73 5.62 -12.62
N CYS A 30 6.15 4.98 -11.62
CA CYS A 30 5.44 5.71 -10.58
C CYS A 30 6.42 6.10 -9.53
N VAL A 31 7.60 5.47 -9.52
CA VAL A 31 8.60 5.76 -8.50
C VAL A 31 9.40 7.01 -8.89
N ASP A 32 9.75 7.84 -7.93
CA ASP A 32 10.74 8.87 -8.17
C ASP A 32 12.05 8.23 -8.74
N SER A 33 12.56 8.76 -9.87
CA SER A 33 13.81 8.24 -10.51
C SER A 33 14.96 7.85 -9.60
N ALA A 34 15.39 8.79 -8.77
CA ALA A 34 16.52 8.62 -7.84
C ALA A 34 16.23 7.54 -6.83
N VAL A 35 14.97 7.46 -6.40
CA VAL A 35 14.60 6.40 -5.51
C VAL A 35 14.65 5.07 -6.30
N LEU A 36 14.17 5.09 -7.55
CA LEU A 36 14.19 3.87 -8.32
C LEU A 36 15.67 3.37 -8.51
N VAL A 37 16.59 4.32 -8.58
CA VAL A 37 18.02 3.96 -8.68
C VAL A 37 18.47 3.16 -7.43
N ASP A 38 18.13 3.67 -6.26
CA ASP A 38 18.61 3.11 -4.99
C ASP A 38 17.94 1.80 -4.75
N VAL A 39 16.65 1.73 -5.11
CA VAL A 39 15.91 0.49 -5.02
C VAL A 39 16.62 -0.59 -5.82
N SER A 40 16.94 -0.32 -7.09
CA SER A 40 17.57 -1.29 -7.97
C SER A 40 18.95 -1.67 -7.43
N LYS A 41 19.62 -0.69 -6.83
CA LYS A 41 20.90 -0.99 -6.30
C LYS A 41 20.76 -2.06 -5.17
N ILE A 42 19.78 -1.88 -4.29
CA ILE A 42 19.62 -2.81 -3.18
C ILE A 42 19.10 -4.15 -3.70
N ILE A 43 18.17 -4.18 -4.67
CA ILE A 43 17.72 -5.48 -5.15
C ILE A 43 18.92 -6.21 -5.77
N THR A 44 19.74 -5.52 -6.55
CA THR A 44 20.95 -6.16 -7.19
C THR A 44 21.92 -6.71 -6.10
N LEU A 45 22.21 -5.95 -5.03
CA LEU A 45 23.07 -6.50 -3.96
C LEU A 45 22.42 -7.76 -3.38
N THR A 46 21.10 -7.70 -3.12
CA THR A 46 20.45 -8.90 -2.55
C THR A 46 20.55 -10.09 -3.47
N GLN A 47 20.45 -9.88 -4.77
CA GLN A 47 20.56 -10.99 -5.70
C GLN A 47 21.95 -11.56 -5.68
N GLU A 48 22.93 -10.72 -5.55
CA GLU A 48 24.32 -11.19 -5.46
C GLU A 48 24.53 -11.97 -4.16
N PHE A 49 23.98 -11.43 -3.07
CA PHE A 49 24.11 -12.09 -1.75
C PHE A 49 23.38 -13.48 -1.81
N ARG A 50 22.21 -13.53 -2.38
CA ARG A 50 21.48 -14.82 -2.56
C ARG A 50 22.21 -15.85 -3.43
N ARG A 51 22.95 -15.41 -4.45
CA ARG A 51 23.72 -16.36 -5.27
C ARG A 51 24.82 -17.02 -4.42
N HIS A 52 25.44 -16.27 -3.54
CA HIS A 52 26.45 -16.93 -2.66
C HIS A 52 25.78 -17.87 -1.68
N TYR A 53 24.67 -17.45 -1.07
CA TYR A 53 23.97 -18.35 -0.20
C TYR A 53 23.65 -19.66 -0.93
N ASP A 54 23.03 -19.55 -2.09
CA ASP A 54 22.56 -20.68 -2.87
C ASP A 54 23.69 -21.57 -3.35
N SER A 55 24.89 -21.04 -3.43
CA SER A 55 26.00 -21.84 -3.91
C SER A 55 26.60 -22.71 -2.82
N VAL A 56 26.21 -22.48 -1.59
CA VAL A 56 26.77 -23.12 -0.43
C VAL A 56 25.69 -23.96 0.21
N TYR A 57 24.47 -23.48 0.23
CA TYR A 57 23.42 -24.14 0.94
C TYR A 57 22.30 -24.57 0.03
N ARG A 58 21.79 -25.75 0.27
CA ARG A 58 20.71 -26.27 -0.55
C ARG A 58 19.33 -25.74 -0.14
N ALA A 59 19.01 -25.71 1.15
CA ALA A 59 17.71 -25.18 1.53
C ALA A 59 17.67 -23.67 1.39
N ASP A 60 16.46 -23.20 1.11
CA ASP A 60 16.17 -21.80 1.03
C ASP A 60 15.81 -21.33 2.43
N TYR A 61 15.47 -20.06 2.54
CA TYR A 61 15.20 -19.43 3.85
C TYR A 61 13.84 -19.86 4.42
N GLY A 62 13.03 -20.50 3.57
CA GLY A 62 11.63 -20.75 3.83
C GLY A 62 11.23 -21.69 4.94
N PRO A 63 12.16 -22.47 5.51
CA PRO A 63 11.69 -23.10 6.74
C PRO A 63 11.88 -22.26 8.02
N ALA A 64 12.76 -21.27 8.05
CA ALA A 64 12.88 -20.41 9.25
C ALA A 64 11.90 -19.19 9.22
N LEU A 65 11.70 -18.66 8.03
CA LEU A 65 10.97 -17.42 7.77
C LEU A 65 9.46 -17.60 7.61
N LYS A 66 9.00 -18.83 7.41
CA LYS A 66 7.57 -19.08 7.49
C LYS A 66 7.04 -18.48 8.79
N ASN A 67 7.88 -18.37 9.84
CA ASN A 67 7.42 -17.79 11.11
C ASN A 67 7.93 -16.40 11.38
N TRP A 68 8.23 -15.67 10.32
CA TRP A 68 8.73 -14.30 10.39
C TRP A 68 7.90 -13.47 11.30
N LYS A 69 6.59 -13.72 11.27
CA LYS A 69 5.64 -13.07 12.17
C LYS A 69 6.14 -12.71 13.60
N ARG A 70 6.55 -13.72 14.39
CA ARG A 70 7.06 -13.52 15.75
C ARG A 70 8.59 -13.47 15.85
N ASP A 71 9.27 -14.06 14.85
CA ASP A 71 10.73 -14.26 14.87
C ASP A 71 11.56 -13.27 14.07
N LEU A 72 10.92 -12.45 13.22
CA LEU A 72 11.69 -11.63 12.31
C LEU A 72 12.64 -10.76 13.09
N SER A 73 12.17 -10.15 14.15
CA SER A 73 13.01 -9.19 14.89
C SER A 73 14.17 -9.90 15.62
N LYS A 74 13.98 -11.19 15.85
CA LYS A 74 14.98 -12.04 16.53
C LYS A 74 16.08 -12.33 15.48
N LEU A 75 15.68 -12.87 14.30
CA LEU A 75 16.61 -12.98 13.19
C LEU A 75 17.41 -11.70 13.02
N PHE A 76 16.71 -10.54 12.97
CA PHE A 76 17.42 -9.27 12.63
C PHE A 76 18.44 -8.97 13.69
N THR A 77 18.05 -9.13 14.96
CA THR A 77 19.00 -8.84 16.03
C THR A 77 20.26 -9.78 16.02
N SER A 78 20.09 -11.10 15.77
CA SER A 78 21.30 -11.98 15.66
C SER A 78 22.18 -11.57 14.52
N LEU A 79 21.53 -11.26 13.39
CA LEU A 79 22.26 -10.82 12.23
C LEU A 79 23.18 -9.58 12.50
N PHE A 80 22.90 -8.76 13.55
CA PHE A 80 23.79 -7.59 13.80
C PHE A 80 24.57 -7.64 15.15
N VAL A 81 24.38 -8.76 15.87
CA VAL A 81 24.96 -8.88 17.24
C VAL A 81 26.44 -8.68 17.17
N ASP A 82 27.10 -9.64 16.54
CA ASP A 82 28.56 -9.62 16.43
C ASP A 82 29.17 -8.47 15.59
N VAL A 83 28.47 -7.95 14.57
CA VAL A 83 29.01 -6.83 13.75
C VAL A 83 27.94 -6.13 12.88
N ILE A 84 28.17 -4.84 12.60
CA ILE A 84 27.41 -4.09 11.59
C ILE A 84 28.31 -3.71 10.42
N ASN A 85 27.97 -4.25 9.26
CA ASN A 85 28.63 -3.81 8.05
C ASN A 85 27.64 -3.85 6.90
N SER A 86 28.05 -3.45 5.71
CA SER A 86 27.04 -3.32 4.67
C SER A 86 26.59 -4.66 4.15
N GLY A 87 27.41 -5.69 4.29
CA GLY A 87 27.06 -7.03 3.89
C GLY A 87 25.98 -7.60 4.78
N ARG A 88 26.02 -7.27 6.10
CA ARG A 88 24.92 -7.68 7.00
C ARG A 88 23.65 -6.93 6.63
N ILE A 89 23.81 -5.65 6.38
CA ILE A 89 22.66 -4.94 5.82
C ILE A 89 22.07 -5.55 4.51
N VAL A 90 22.92 -5.97 3.58
CA VAL A 90 22.35 -6.52 2.38
C VAL A 90 21.59 -7.81 2.72
N GLY A 91 22.11 -8.63 3.62
CA GLY A 91 21.40 -9.83 4.10
C GLY A 91 20.02 -9.50 4.70
N PHE A 92 19.97 -8.42 5.51
CA PHE A 92 18.73 -7.90 6.09
C PHE A 92 17.70 -7.62 4.95
N PHE A 93 18.17 -6.96 3.92
CA PHE A 93 17.23 -6.68 2.85
C PHE A 93 16.85 -7.93 2.13
N ASP A 94 17.75 -8.92 2.03
CA ASP A 94 17.39 -10.14 1.22
C ASP A 94 16.43 -10.94 2.02
N VAL A 95 16.57 -10.91 3.35
CA VAL A 95 15.49 -11.55 4.16
C VAL A 95 14.13 -10.92 3.89
N GLY A 96 14.08 -9.58 3.90
CA GLY A 96 12.80 -8.88 3.61
C GLY A 96 12.33 -9.19 2.17
N ARG A 97 13.26 -9.32 1.21
CA ARG A 97 12.87 -9.65 -0.14
C ARG A 97 12.29 -11.05 -0.23
N TYR A 98 12.89 -12.00 0.52
CA TYR A 98 12.39 -13.37 0.58
C TYR A 98 10.95 -13.32 1.10
N VAL A 99 10.72 -12.74 2.28
CA VAL A 99 9.38 -12.68 2.85
C VAL A 99 8.36 -12.16 1.81
N CYS A 100 8.60 -10.97 1.23
CA CYS A 100 7.73 -10.48 0.17
C CYS A 100 7.52 -11.49 -0.94
N GLU A 101 8.57 -12.13 -1.39
CA GLU A 101 8.47 -12.82 -2.66
C GLU A 101 8.00 -14.25 -2.52
N GLU A 102 7.94 -14.77 -1.31
CA GLU A 102 7.57 -16.16 -1.13
C GLU A 102 6.71 -16.49 0.05
N VAL A 103 6.69 -15.64 1.04
CA VAL A 103 5.85 -15.87 2.17
C VAL A 103 4.54 -15.10 2.03
N LEU A 104 4.61 -13.77 2.03
CA LEU A 104 3.46 -12.91 1.81
C LEU A 104 2.74 -13.16 0.48
N CYS A 105 1.47 -12.84 0.48
CA CYS A 105 0.63 -12.90 -0.68
C CYS A 105 1.25 -12.06 -1.82
N PRO A 106 1.33 -12.65 -3.03
CA PRO A 106 2.07 -12.05 -4.14
C PRO A 106 1.35 -10.87 -4.83
N GLY A 107 2.10 -10.07 -5.59
CA GLY A 107 1.62 -8.89 -6.32
C GLY A 107 0.65 -8.01 -5.56
N SER A 108 0.72 -7.99 -4.24
CA SER A 108 -0.21 -7.21 -3.44
C SER A 108 0.44 -6.48 -2.28
N TRP A 109 -0.10 -5.30 -1.95
CA TRP A 109 0.35 -4.53 -0.82
C TRP A 109 -0.58 -4.74 0.34
N THR A 110 -0.50 -5.93 0.93
CA THR A 110 -1.40 -6.33 2.01
C THR A 110 -0.95 -5.69 3.29
N GLU A 111 -1.74 -5.92 4.33
CA GLU A 111 -1.50 -5.35 5.64
C GLU A 111 -0.26 -5.92 6.30
N ASP A 112 0.06 -7.18 6.00
CA ASP A 112 1.29 -7.83 6.44
C ASP A 112 2.53 -7.24 5.77
N HIS A 113 2.42 -6.87 4.49
CA HIS A 113 3.47 -6.06 3.88
C HIS A 113 3.78 -4.83 4.66
N GLU A 114 2.73 -4.17 5.15
CA GLU A 114 2.87 -2.92 5.93
C GLU A 114 3.55 -3.21 7.24
N LEU A 115 3.29 -4.38 7.79
CA LEU A 115 3.91 -4.86 9.04
C LEU A 115 5.39 -5.22 8.83
N LEU A 116 5.64 -5.94 7.75
CA LEU A 116 7.04 -6.17 7.29
C LEU A 116 7.81 -4.82 7.14
N ASN A 117 7.16 -3.87 6.46
CA ASN A 117 7.70 -2.53 6.28
C ASN A 117 8.13 -1.89 7.58
N ASP A 118 7.19 -1.84 8.56
CA ASP A 118 7.36 -1.20 9.85
C ASP A 118 8.50 -1.78 10.61
N CYS A 119 8.41 -3.09 10.77
CA CYS A 119 9.47 -3.87 11.41
C CYS A 119 10.85 -3.55 10.78
N MET A 120 10.95 -3.68 9.44
CA MET A 120 12.27 -3.41 8.80
C MET A 120 12.65 -1.97 9.00
N THR A 121 11.70 -1.06 8.83
CA THR A 121 11.95 0.37 8.97
C THR A 121 12.29 0.74 10.41
N HIS A 122 11.66 0.05 11.37
CA HIS A 122 11.88 0.32 12.77
C HIS A 122 13.20 -0.22 13.24
N PHE A 123 13.68 -1.26 12.57
CA PHE A 123 14.91 -1.88 12.92
C PHE A 123 16.04 -1.11 12.25
N PHE A 124 15.90 -0.81 10.94
CA PHE A 124 16.97 -0.10 10.23
C PHE A 124 17.26 1.20 11.02
N ILE A 125 16.22 1.97 11.32
CA ILE A 125 16.42 3.22 12.03
C ILE A 125 16.88 3.06 13.49
N GLU A 126 16.13 2.30 14.31
CA GLU A 126 16.49 2.14 15.72
C GLU A 126 17.93 1.66 15.85
N ASN A 127 18.40 0.84 14.90
CA ASN A 127 19.79 0.37 14.93
C ASN A 127 20.78 1.25 14.21
N ASN A 128 20.32 2.38 13.72
CA ASN A 128 21.20 3.24 12.93
C ASN A 128 21.92 2.50 11.80
N LEU A 129 21.23 1.62 11.09
CA LEU A 129 21.84 0.98 9.88
C LEU A 129 22.29 1.96 8.79
N MET A 130 21.68 3.15 8.76
CA MET A 130 22.05 4.18 7.76
C MET A 130 23.50 4.51 7.91
N ASN A 131 23.99 4.37 9.15
CA ASN A 131 25.40 4.54 9.49
C ASN A 131 26.44 3.71 8.69
N HIS A 132 26.04 2.56 8.17
CA HIS A 132 26.95 1.65 7.52
C HIS A 132 26.64 1.33 6.09
N PHE A 133 26.12 2.28 5.35
CA PHE A 133 25.60 2.01 4.03
C PHE A 133 25.35 3.29 3.29
N PRO A 134 26.37 3.86 2.67
CA PRO A 134 26.10 5.15 2.04
C PRO A 134 25.47 4.98 0.69
N LEU A 135 24.91 6.04 0.15
CA LEU A 135 24.24 5.99 -1.18
C LEU A 135 24.71 7.13 -2.09
N GLU A 136 24.41 6.99 -3.36
CA GLU A 136 24.86 7.88 -4.39
C GLU A 136 24.39 9.30 -4.23
N ASP A 137 25.31 10.19 -4.54
CA ASP A 137 25.08 11.61 -4.52
C ASP A 137 24.75 12.06 -3.11
N SER B 3 -28.45 -7.28 8.00
CA SER B 3 -27.56 -6.05 7.81
C SER B 3 -27.72 -4.90 8.84
N HIS B 4 -26.58 -4.29 9.25
CA HIS B 4 -26.54 -3.32 10.34
C HIS B 4 -25.46 -2.33 10.12
N LYS B 5 -25.51 -1.23 10.88
CA LYS B 5 -24.47 -0.21 10.86
C LYS B 5 -23.16 -0.77 11.46
N LYS B 6 -22.03 -0.49 10.83
CA LYS B 6 -20.75 -0.98 11.31
C LYS B 6 -19.90 0.18 11.89
N SER B 7 -18.85 -0.18 12.64
CA SER B 7 -18.02 0.78 13.33
C SER B 7 -17.07 1.53 12.39
N GLY B 8 -16.62 2.71 12.87
CA GLY B 8 -15.63 3.50 12.14
C GLY B 8 -14.39 2.69 11.77
N THR B 9 -13.95 1.93 12.76
CA THR B 9 -12.79 1.08 12.65
C THR B 9 -12.90 0.14 11.46
N TYR B 10 -14.04 -0.53 11.37
CA TYR B 10 -14.29 -1.48 10.30
C TYR B 10 -14.37 -0.70 8.99
N TRP B 11 -15.06 0.44 9.01
CA TRP B 11 -15.13 1.19 7.80
C TRP B 11 -13.76 1.65 7.33
N ALA B 12 -12.85 2.05 8.27
CA ALA B 12 -11.46 2.31 7.92
C ALA B 12 -10.83 1.18 7.14
N THR B 13 -10.99 -0.05 7.63
CA THR B 13 -10.42 -1.24 6.94
C THR B 13 -11.09 -1.39 5.57
N LEU B 14 -12.38 -1.13 5.54
CA LEU B 14 -13.14 -1.37 4.36
C LEU B 14 -12.73 -0.40 3.20
N ILE B 15 -12.54 0.87 3.58
CA ILE B 15 -12.13 1.89 2.62
C ILE B 15 -10.71 1.58 2.02
N THR B 16 -9.77 1.15 2.85
CA THR B 16 -8.42 0.86 2.39
C THR B 16 -8.48 -0.32 1.38
N ALA B 17 -9.19 -1.38 1.77
CA ALA B 17 -9.38 -2.53 0.89
C ALA B 17 -10.07 -2.10 -0.45
N PHE B 18 -11.11 -1.23 -0.34
CA PHE B 18 -11.75 -0.71 -1.55
C PHE B 18 -10.72 -0.05 -2.43
N LEU B 19 -9.93 0.87 -1.85
CA LEU B 19 -9.01 1.66 -2.68
C LEU B 19 -7.91 0.76 -3.28
N LYS B 20 -7.45 -0.26 -2.53
CA LYS B 20 -6.37 -1.11 -2.99
C LYS B 20 -6.92 -2.03 -4.09
N THR B 21 -8.14 -2.49 -3.91
CA THR B 21 -8.72 -3.36 -4.91
C THR B 21 -8.90 -2.62 -6.22
N VAL B 22 -9.57 -1.44 -6.19
CA VAL B 22 -9.72 -0.67 -7.44
C VAL B 22 -8.38 -0.20 -7.99
N SER B 23 -7.38 -0.07 -7.13
CA SER B 23 -6.02 0.22 -7.61
C SER B 23 -5.24 -1.01 -8.19
N LYS B 24 -5.81 -2.21 -8.08
CA LYS B 24 -5.26 -3.45 -8.63
C LYS B 24 -3.98 -3.75 -7.90
N VAL B 25 -4.00 -3.44 -6.62
CA VAL B 25 -2.80 -3.54 -5.84
C VAL B 25 -3.11 -4.55 -4.71
N GLU B 26 -4.04 -5.42 -5.05
CA GLU B 26 -4.42 -6.51 -4.22
C GLU B 26 -5.06 -7.58 -5.10
N GLU B 27 -4.63 -8.82 -4.85
CA GLU B 27 -5.21 -10.03 -5.43
C GLU B 27 -6.38 -10.41 -4.53
N LEU B 28 -7.49 -10.83 -5.16
CA LEU B 28 -8.73 -11.15 -4.44
C LEU B 28 -8.43 -12.17 -3.36
N ASP B 29 -7.52 -13.05 -3.71
CA ASP B 29 -7.11 -14.11 -2.83
C ASP B 29 -6.50 -13.67 -1.51
N CYS B 30 -6.12 -12.39 -1.41
CA CYS B 30 -5.25 -11.91 -0.34
C CYS B 30 -6.07 -11.10 0.68
N VAL B 31 -7.31 -10.76 0.35
CA VAL B 31 -8.19 -10.00 1.27
C VAL B 31 -9.06 -10.96 2.17
N ASP B 32 -9.31 -10.56 3.42
CA ASP B 32 -10.28 -11.19 4.26
C ASP B 32 -11.69 -11.31 3.60
N SER B 33 -12.27 -12.50 3.62
CA SER B 33 -13.47 -12.80 2.81
C SER B 33 -14.64 -11.87 3.01
N ALA B 34 -14.98 -11.66 4.28
CA ALA B 34 -16.03 -10.73 4.71
C ALA B 34 -15.74 -9.30 4.23
N VAL B 35 -14.45 -8.90 4.28
CA VAL B 35 -14.09 -7.58 3.71
C VAL B 35 -14.29 -7.64 2.17
N LEU B 36 -13.85 -8.74 1.54
CA LEU B 36 -13.94 -8.87 0.13
C LEU B 36 -15.45 -8.77 -0.34
N VAL B 37 -16.38 -9.25 0.48
CA VAL B 37 -17.81 -9.16 0.11
C VAL B 37 -18.26 -7.70 0.05
N ASP B 38 -17.88 -6.97 1.09
CA ASP B 38 -18.30 -5.61 1.28
C ASP B 38 -17.66 -4.72 0.24
N VAL B 39 -16.39 -4.95 -0.04
CA VAL B 39 -15.76 -4.22 -1.10
C VAL B 39 -16.47 -4.41 -2.47
N SER B 40 -16.73 -5.64 -2.83
CA SER B 40 -17.40 -5.95 -4.09
C SER B 40 -18.79 -5.32 -4.17
N LYS B 41 -19.46 -5.27 -3.04
CA LYS B 41 -20.74 -4.60 -2.94
C LYS B 41 -20.62 -3.14 -3.28
N ILE B 42 -19.72 -2.47 -2.59
CA ILE B 42 -19.43 -1.05 -2.90
C ILE B 42 -19.00 -0.85 -4.34
N ILE B 43 -17.97 -1.58 -4.83
CA ILE B 43 -17.58 -1.45 -6.24
C ILE B 43 -18.77 -1.53 -7.17
N THR B 44 -19.61 -2.56 -7.01
CA THR B 44 -20.81 -2.77 -7.85
C THR B 44 -21.76 -1.57 -7.77
N LEU B 45 -22.01 -1.07 -6.56
CA LEU B 45 -22.89 0.11 -6.43
C LEU B 45 -22.25 1.33 -7.21
N THR B 46 -20.93 1.52 -7.14
CA THR B 46 -20.31 2.66 -7.86
C THR B 46 -20.38 2.49 -9.37
N GLN B 47 -20.21 1.28 -9.87
CA GLN B 47 -20.49 0.96 -11.31
C GLN B 47 -21.91 1.19 -11.74
N GLU B 48 -22.85 0.92 -10.87
CA GLU B 48 -24.28 1.23 -11.17
C GLU B 48 -24.41 2.76 -11.24
N PHE B 49 -23.83 3.43 -10.23
CA PHE B 49 -23.92 4.90 -10.15
C PHE B 49 -23.26 5.54 -11.38
N ARG B 50 -22.06 5.09 -11.72
CA ARG B 50 -21.35 5.57 -12.93
C ARG B 50 -22.12 5.40 -14.23
N ARG B 51 -22.82 4.27 -14.39
CA ARG B 51 -23.64 4.02 -15.58
C ARG B 51 -24.71 5.09 -15.74
N HIS B 52 -25.31 5.52 -14.65
CA HIS B 52 -26.30 6.59 -14.74
C HIS B 52 -25.62 7.89 -15.08
N TYR B 53 -24.48 8.19 -14.47
CA TYR B 53 -23.82 9.48 -14.76
C TYR B 53 -23.51 9.48 -16.26
N ASP B 54 -22.90 8.41 -16.75
CA ASP B 54 -22.49 8.33 -18.14
C ASP B 54 -23.66 8.41 -19.08
N SER B 55 -24.88 8.07 -18.66
CA SER B 55 -26.03 8.20 -19.58
C SER B 55 -26.45 9.65 -19.77
N VAL B 56 -26.13 10.48 -18.82
CA VAL B 56 -26.66 11.82 -18.84
C VAL B 56 -25.60 12.81 -19.32
N TYR B 57 -24.33 12.59 -18.90
CA TYR B 57 -23.23 13.49 -19.19
C TYR B 57 -22.16 12.79 -20.01
N ARG B 58 -21.66 13.48 -21.04
CA ARG B 58 -20.49 13.09 -21.86
C ARG B 58 -19.11 13.27 -21.13
N ALA B 59 -18.81 14.42 -20.53
CA ALA B 59 -17.55 14.55 -19.82
C ALA B 59 -17.50 13.54 -18.67
N ASP B 60 -16.31 12.98 -18.42
CA ASP B 60 -16.06 12.14 -17.26
C ASP B 60 -15.67 13.08 -16.09
N TYR B 61 -15.34 12.56 -14.90
CA TYR B 61 -14.95 13.45 -13.77
C TYR B 61 -13.60 14.22 -13.84
N GLY B 62 -12.76 13.87 -14.82
CA GLY B 62 -11.35 14.28 -14.81
C GLY B 62 -11.11 15.77 -14.70
N PRO B 63 -11.81 16.57 -15.52
CA PRO B 63 -11.48 18.02 -15.47
C PRO B 63 -11.59 18.64 -14.06
N ALA B 64 -12.61 18.26 -13.27
CA ALA B 64 -12.78 18.76 -11.90
C ALA B 64 -11.78 18.21 -10.91
N LEU B 65 -11.26 17.04 -11.19
CA LEU B 65 -10.42 16.35 -10.23
C LEU B 65 -8.92 16.61 -10.47
N LYS B 66 -8.61 17.47 -11.43
CA LYS B 66 -7.22 17.90 -11.68
C LYS B 66 -6.52 18.32 -10.39
N ASN B 67 -7.29 18.85 -9.45
CA ASN B 67 -6.75 19.43 -8.23
C ASN B 67 -7.31 18.72 -6.98
N TRP B 68 -7.56 17.43 -7.13
CA TRP B 68 -8.11 16.68 -6.06
C TRP B 68 -7.26 16.81 -4.78
N LYS B 69 -5.95 16.90 -4.97
CA LYS B 69 -5.07 16.91 -3.83
C LYS B 69 -5.41 18.07 -2.91
N ARG B 70 -5.86 19.16 -3.51
CA ARG B 70 -6.27 20.36 -2.82
C ARG B 70 -7.76 20.36 -2.59
N ASP B 71 -8.56 19.89 -3.53
CA ASP B 71 -9.99 20.23 -3.56
C ASP B 71 -11.01 19.12 -3.21
N LEU B 72 -10.51 17.91 -2.94
CA LEU B 72 -11.41 16.77 -2.84
C LEU B 72 -12.33 16.95 -1.64
N SER B 73 -11.83 17.43 -0.49
CA SER B 73 -12.70 17.50 0.69
C SER B 73 -13.80 18.58 0.51
N LYS B 74 -13.53 19.52 -0.34
CA LYS B 74 -14.49 20.53 -0.74
C LYS B 74 -15.61 19.88 -1.54
N LEU B 75 -15.24 18.96 -2.43
CA LEU B 75 -16.22 18.18 -3.24
C LEU B 75 -17.07 17.38 -2.28
N PHE B 76 -16.44 16.71 -1.33
CA PHE B 76 -17.15 15.84 -0.43
C PHE B 76 -18.13 16.61 0.44
N THR B 77 -17.68 17.74 0.97
CA THR B 77 -18.48 18.53 1.86
C THR B 77 -19.76 18.93 1.08
N SER B 78 -19.58 19.35 -0.17
CA SER B 78 -20.67 19.83 -0.98
C SER B 78 -21.65 18.70 -1.29
N LEU B 79 -21.13 17.50 -1.45
CA LEU B 79 -21.93 16.35 -1.80
C LEU B 79 -22.90 15.96 -0.68
N PHE B 80 -22.59 16.36 0.53
CA PHE B 80 -23.41 15.97 1.66
C PHE B 80 -24.05 17.20 2.26
N VAL B 81 -23.93 18.32 1.58
CA VAL B 81 -24.34 19.54 2.28
C VAL B 81 -25.85 19.60 2.45
N ASP B 82 -26.60 19.13 1.45
CA ASP B 82 -28.08 19.22 1.48
C ASP B 82 -28.72 17.97 1.99
N VAL B 83 -28.10 16.80 1.76
CA VAL B 83 -28.65 15.57 2.28
C VAL B 83 -27.55 14.53 2.51
N ILE B 84 -27.71 13.71 3.55
CA ILE B 84 -26.88 12.51 3.63
C ILE B 84 -27.73 11.28 3.36
N ASN B 85 -27.46 10.51 2.30
CA ASN B 85 -28.19 9.22 2.13
C ASN B 85 -27.24 8.24 1.47
N SER B 86 -27.63 6.98 1.22
CA SER B 86 -26.62 6.02 0.82
C SER B 86 -26.24 6.23 -0.63
N GLY B 87 -27.06 6.91 -1.40
CA GLY B 87 -26.75 7.17 -2.81
C GLY B 87 -25.62 8.20 -2.89
N ARG B 88 -25.60 9.14 -1.95
CA ARG B 88 -24.52 10.17 -1.94
C ARG B 88 -23.20 9.54 -1.47
N ILE B 89 -23.26 8.58 -0.56
CA ILE B 89 -22.05 7.85 -0.15
C ILE B 89 -21.56 6.99 -1.32
N VAL B 90 -22.46 6.45 -2.14
CA VAL B 90 -21.97 5.67 -3.30
C VAL B 90 -21.25 6.60 -4.25
N GLY B 91 -21.80 7.80 -4.47
CA GLY B 91 -21.13 8.88 -5.24
C GLY B 91 -19.71 9.19 -4.75
N PHE B 92 -19.60 9.33 -3.44
CA PHE B 92 -18.36 9.48 -2.67
C PHE B 92 -17.33 8.38 -3.00
N PHE B 93 -17.77 7.13 -3.08
CA PHE B 93 -16.82 6.06 -3.35
C PHE B 93 -16.51 6.06 -4.84
N ASP B 94 -17.44 6.55 -5.66
CA ASP B 94 -17.25 6.41 -7.09
C ASP B 94 -16.24 7.44 -7.51
N VAL B 95 -16.25 8.58 -6.80
CA VAL B 95 -15.20 9.60 -7.01
C VAL B 95 -13.82 9.07 -6.61
N GLY B 96 -13.74 8.41 -5.46
CA GLY B 96 -12.42 7.87 -5.00
C GLY B 96 -11.96 6.81 -5.97
N ARG B 97 -12.90 6.03 -6.51
CA ARG B 97 -12.60 5.00 -7.53
C ARG B 97 -12.05 5.61 -8.78
N TYR B 98 -12.68 6.71 -9.20
CA TYR B 98 -12.18 7.48 -10.39
C TYR B 98 -10.74 7.95 -10.15
N VAL B 99 -10.50 8.56 -8.98
CA VAL B 99 -9.14 9.10 -8.75
C VAL B 99 -8.14 7.90 -8.85
N CYS B 100 -8.47 6.76 -8.26
CA CYS B 100 -7.56 5.65 -8.28
C CYS B 100 -7.37 5.19 -9.70
N GLU B 101 -8.41 5.10 -10.48
CA GLU B 101 -8.33 4.39 -11.73
C GLU B 101 -7.94 5.29 -12.90
N GLU B 102 -8.11 6.59 -12.74
CA GLU B 102 -7.93 7.43 -13.92
C GLU B 102 -7.02 8.56 -13.63
N VAL B 103 -6.74 8.83 -12.35
CA VAL B 103 -5.83 9.93 -12.03
C VAL B 103 -4.47 9.43 -11.58
N LEU B 104 -4.46 8.45 -10.70
CA LEU B 104 -3.28 8.06 -10.03
C LEU B 104 -2.60 6.95 -10.80
N CYS B 105 -1.39 6.68 -10.37
CA CYS B 105 -0.58 5.64 -10.97
C CYS B 105 -1.27 4.32 -10.88
N PRO B 106 -1.41 3.62 -12.02
CA PRO B 106 -2.17 2.38 -12.07
C PRO B 106 -1.41 1.19 -11.45
N GLY B 107 -2.10 0.18 -10.97
CA GLY B 107 -1.42 -0.97 -10.32
C GLY B 107 -0.33 -0.61 -9.30
N SER B 108 -0.59 0.38 -8.43
CA SER B 108 0.43 0.93 -7.53
C SER B 108 -0.19 1.54 -6.30
N TRP B 109 0.44 1.34 -5.16
CA TRP B 109 -0.04 1.96 -3.98
C TRP B 109 1.02 2.93 -3.67
N THR B 110 0.83 4.14 -4.18
CA THR B 110 1.81 5.19 -3.95
C THR B 110 1.45 6.01 -2.75
N GLU B 111 2.22 7.06 -2.52
CA GLU B 111 1.93 8.04 -1.52
C GLU B 111 0.57 8.78 -1.69
N ASP B 112 0.26 9.14 -2.91
CA ASP B 112 -0.99 9.86 -3.17
C ASP B 112 -2.20 8.97 -2.80
N HIS B 113 -2.07 7.67 -3.03
CA HIS B 113 -3.12 6.73 -2.66
C HIS B 113 -3.41 6.83 -1.19
N GLU B 114 -2.36 6.76 -0.38
CA GLU B 114 -2.49 6.91 1.06
C GLU B 114 -3.29 8.16 1.37
N LEU B 115 -2.80 9.29 0.86
CA LEU B 115 -3.50 10.56 1.01
C LEU B 115 -5.05 10.55 0.64
N LEU B 116 -5.40 9.93 -0.49
CA LEU B 116 -6.80 9.64 -0.86
C LEU B 116 -7.45 8.83 0.28
N ASN B 117 -6.78 7.74 0.69
CA ASN B 117 -7.27 6.89 1.78
C ASN B 117 -7.56 7.69 3.02
N ASP B 118 -6.57 8.51 3.46
CA ASP B 118 -6.75 9.29 4.68
C ASP B 118 -7.83 10.34 4.53
N CYS B 119 -7.82 11.05 3.40
CA CYS B 119 -8.94 11.98 3.16
C CYS B 119 -10.35 11.26 3.21
N MET B 120 -10.51 10.14 2.49
CA MET B 120 -11.83 9.56 2.46
C MET B 120 -12.21 9.04 3.82
N THR B 121 -11.26 8.41 4.50
CA THR B 121 -11.59 7.71 5.73
C THR B 121 -11.94 8.73 6.76
N HIS B 122 -11.18 9.80 6.78
CA HIS B 122 -11.38 10.79 7.75
C HIS B 122 -12.67 11.56 7.54
N PHE B 123 -13.01 11.86 6.29
CA PHE B 123 -14.34 12.43 5.97
C PHE B 123 -15.50 11.49 6.36
N PHE B 124 -15.34 10.20 6.02
CA PHE B 124 -16.38 9.24 6.28
C PHE B 124 -16.68 9.20 7.80
N ILE B 125 -15.67 9.20 8.62
CA ILE B 125 -15.87 9.01 10.01
C ILE B 125 -16.35 10.27 10.68
N GLU B 126 -15.72 11.43 10.41
CA GLU B 126 -16.21 12.68 11.00
C GLU B 126 -17.65 13.06 10.58
N ASN B 127 -18.07 12.63 9.39
CA ASN B 127 -19.44 12.90 8.99
C ASN B 127 -20.40 11.79 9.35
N ASN B 128 -19.86 10.80 10.05
CA ASN B 128 -20.66 9.72 10.56
C ASN B 128 -21.41 9.02 9.46
N LEU B 129 -20.77 8.88 8.31
CA LEU B 129 -21.46 8.24 7.18
C LEU B 129 -21.75 6.75 7.50
N MET B 130 -21.06 6.20 8.49
CA MET B 130 -21.39 4.79 8.88
C MET B 130 -22.85 4.66 9.31
N ASN B 131 -23.45 5.77 9.70
CA ASN B 131 -24.82 5.73 10.15
C ASN B 131 -25.89 5.84 9.02
N HIS B 132 -25.45 5.81 7.77
CA HIS B 132 -26.31 5.82 6.63
C HIS B 132 -25.92 4.83 5.56
N PHE B 133 -25.25 3.76 5.94
CA PHE B 133 -24.86 2.74 5.00
C PHE B 133 -24.68 1.42 5.71
N PRO B 134 -25.86 0.71 5.98
CA PRO B 134 -25.65 -0.55 6.70
C PRO B 134 -25.12 -1.69 5.85
N LEU B 135 -24.51 -2.64 6.49
CA LEU B 135 -23.88 -3.73 5.80
C LEU B 135 -24.27 -5.07 6.40
N GLU B 136 -24.15 -6.13 5.63
CA GLU B 136 -24.55 -7.45 6.13
C GLU B 136 -23.64 -7.94 7.25
N ASP B 137 -24.24 -8.49 8.31
CA ASP B 137 -23.48 -8.99 9.44
C ASP B 137 -22.65 -10.20 9.05
N HIS B 138 -21.33 -10.10 9.22
CA HIS B 138 -20.43 -11.19 8.88
C HIS B 138 -19.90 -11.85 10.12
N THR C 4 16.13 -23.58 13.85
CA THR C 4 15.78 -23.23 12.45
C THR C 4 16.13 -21.77 12.20
N MET C 5 15.62 -20.90 13.05
CA MET C 5 15.91 -19.48 12.88
C MET C 5 17.36 -19.13 13.18
N GLU C 6 17.88 -19.59 14.30
CA GLU C 6 19.28 -19.41 14.67
C GLU C 6 20.24 -20.01 13.64
N ASN C 7 19.83 -21.12 13.07
CA ASN C 7 20.46 -21.70 11.95
C ASN C 7 20.45 -20.78 10.68
N LEU C 8 19.33 -20.14 10.37
CA LEU C 8 19.24 -19.21 9.26
C LEU C 8 20.29 -18.13 9.45
N SER C 9 20.23 -17.50 10.62
CA SER C 9 21.17 -16.50 11.06
C SER C 9 22.64 -16.87 10.80
N ARG C 10 23.05 -18.04 11.32
CA ARG C 10 24.36 -18.55 11.05
C ARG C 10 24.65 -18.61 9.52
N ARG C 11 23.73 -19.15 8.74
CA ARG C 11 23.96 -19.27 7.31
C ARG C 11 24.09 -17.86 6.62
N LEU C 12 23.33 -16.89 7.11
CA LEU C 12 23.36 -15.55 6.53
C LEU C 12 24.71 -14.90 6.82
N LYS C 13 25.28 -15.19 7.99
CA LYS C 13 26.59 -14.63 8.34
C LYS C 13 27.71 -15.25 7.55
N VAL C 14 27.64 -16.56 7.32
CA VAL C 14 28.50 -17.19 6.36
C VAL C 14 28.40 -16.53 4.99
N THR C 15 27.17 -16.29 4.50
CA THR C 15 26.98 -15.70 3.23
C THR C 15 27.57 -14.26 3.25
N GLU C 16 27.31 -13.52 4.33
CA GLU C 16 27.89 -12.16 4.44
C GLU C 16 29.40 -12.23 4.31
N ALA C 17 30.04 -13.20 5.01
CA ALA C 17 31.50 -13.33 4.87
C ALA C 17 31.97 -13.63 3.41
N LEU C 18 31.27 -14.44 2.66
CA LEU C 18 31.64 -14.67 1.26
C LEU C 18 31.40 -13.46 0.36
N PHE C 19 30.26 -12.79 0.54
CA PHE C 19 29.89 -11.61 -0.22
C PHE C 19 30.90 -10.54 0.07
N ASP C 20 31.31 -10.41 1.32
CA ASP C 20 32.24 -9.39 1.75
C ASP C 20 33.68 -9.90 1.80
N ILE C 21 33.93 -10.98 1.08
CA ILE C 21 35.16 -11.72 1.13
C ILE C 21 36.31 -10.83 1.41
N MET C 22 36.61 -9.92 0.51
CA MET C 22 37.49 -8.86 0.97
C MET C 22 37.30 -7.50 0.27
N SER C 23 36.85 -6.55 1.11
CA SER C 23 36.39 -5.23 0.72
C SER C 23 36.73 -4.14 1.75
N SER D 2 -13.95 25.88 -6.06
CA SER D 2 -14.97 24.93 -6.35
C SER D 2 -15.51 25.37 -7.66
N GLY D 3 -14.67 25.38 -8.67
CA GLY D 3 -15.10 25.82 -9.97
C GLY D 3 -15.84 24.77 -10.80
N THR D 4 -15.07 23.99 -11.52
CA THR D 4 -15.63 22.90 -12.23
C THR D 4 -16.03 21.93 -11.16
N MET D 5 -15.55 22.18 -9.96
CA MET D 5 -15.81 21.28 -8.83
C MET D 5 -17.30 21.41 -8.44
N GLU D 6 -17.78 22.64 -8.46
CA GLU D 6 -19.16 22.89 -8.13
C GLU D 6 -20.04 22.28 -9.21
N ASN D 7 -19.54 22.26 -10.43
CA ASN D 7 -20.23 21.65 -11.50
C ASN D 7 -20.32 20.12 -11.36
N LEU D 8 -19.20 19.49 -11.00
CA LEU D 8 -19.17 18.06 -10.75
C LEU D 8 -20.13 17.72 -9.60
N SER D 9 -20.09 18.48 -8.52
CA SER D 9 -20.93 18.23 -7.35
C SER D 9 -22.40 18.23 -7.81
N ARG D 10 -22.80 19.26 -8.54
CA ARG D 10 -24.12 19.33 -9.09
C ARG D 10 -24.46 18.06 -9.92
N ARG D 11 -23.57 17.59 -10.79
CA ARG D 11 -23.86 16.41 -11.61
C ARG D 11 -23.92 15.12 -10.78
N LEU D 12 -23.14 15.05 -9.71
CA LEU D 12 -23.16 13.84 -8.86
C LEU D 12 -24.51 13.76 -8.10
N LYS D 13 -25.06 14.93 -7.75
CA LYS D 13 -26.35 14.93 -7.12
C LYS D 13 -27.46 14.55 -8.09
N VAL D 14 -27.39 15.00 -9.35
CA VAL D 14 -28.32 14.57 -10.38
C VAL D 14 -28.23 13.03 -10.53
N THR D 15 -27.02 12.50 -10.46
CA THR D 15 -26.78 11.11 -10.68
C THR D 15 -27.32 10.33 -9.48
N GLU D 16 -27.04 10.85 -8.28
CA GLU D 16 -27.67 10.26 -7.08
C GLU D 16 -29.19 10.23 -7.20
N ALA D 17 -29.83 11.29 -7.70
CA ALA D 17 -31.29 11.26 -7.75
C ALA D 17 -31.70 10.17 -8.75
N LEU D 18 -30.98 9.94 -9.83
CA LEU D 18 -31.44 8.88 -10.78
C LEU D 18 -31.24 7.49 -10.17
N PHE D 19 -30.13 7.29 -9.50
CA PHE D 19 -29.75 6.01 -8.91
C PHE D 19 -30.74 5.68 -7.81
N ASP D 20 -31.22 6.70 -7.12
CA ASP D 20 -32.13 6.52 -6.03
C ASP D 20 -33.60 6.81 -6.36
N ILE D 21 -33.98 6.90 -7.63
CA ILE D 21 -35.38 7.06 -7.98
C ILE D 21 -36.20 5.97 -7.31
N MET D 22 -37.14 6.38 -6.48
CA MET D 22 -38.01 5.45 -5.85
C MET D 22 -37.22 4.39 -5.11
N SER D 23 -36.60 4.77 -4.00
CA SER D 23 -35.92 3.74 -3.23
C SER D 23 -36.23 3.88 -1.74
S SO4 E . 21.23 -27.69 3.24
O1 SO4 E . 21.51 -27.97 4.66
O2 SO4 E . 20.56 -26.38 3.27
O3 SO4 E . 22.48 -27.66 2.42
O4 SO4 E . 20.34 -28.68 2.61
S SO4 F . -21.23 17.17 -21.10
O1 SO4 F . -20.50 17.10 -22.37
O2 SO4 F . -20.48 16.38 -20.10
O3 SO4 F . -21.30 18.55 -20.56
O4 SO4 F . -22.60 16.59 -21.30
S SO4 G . -28.74 -0.99 13.13
O1 SO4 G . -29.06 -2.07 14.09
O2 SO4 G . -28.94 0.32 13.81
O3 SO4 G . -27.33 -1.15 12.71
O4 SO4 G . -29.62 -1.06 11.94
S SO4 H . -26.24 11.72 11.64
O1 SO4 H . -27.70 11.98 11.41
O2 SO4 H . -25.73 12.45 12.85
O3 SO4 H . -26.05 10.28 11.85
O4 SO4 H . -25.46 12.08 10.42
#